data_4ASB
#
_entry.id   4ASB
#
_cell.length_a   74.460
_cell.length_b   74.460
_cell.length_c   110.860
_cell.angle_alpha   90.00
_cell.angle_beta   90.00
_cell.angle_gamma   90.00
#
_symmetry.space_group_name_H-M   'P 43 2 2'
#
loop_
_entity.id
_entity.type
_entity.pdbx_description
1 polymer 'ATP-DEPENDENT MOLECULAR CHAPERONE HSP82'
2 non-polymer '(4E,6E,8S,9R,10E,12R,13R,14S,16R)-19-{[2-(dimethylamino)ethyl]amino}-13-hydroxy-8,14-dimethoxy-4,10,12,16,21-pentamethyl-3,20,22-trioxo-2-azabicyclo[16.3.1]docosa-1(21),4,6,10,18-pentaen-9-yl carbamate'
3 water water
#
_entity_poly.entity_id   1
_entity_poly.type   'polypeptide(L)'
_entity_poly.pdbx_seq_one_letter_code
;MASETFEFQAEITQLMSLIINTVYSNKEIFLRELISNASDALDKIRYKSLSDPKQLETEPDLFIRITPKPEQKVLEIRDS
GIGMTKAELINNLGTIAKSGTKAFMEALSAGADVSMIGQFGVGFYSLFLVADRVQVISKSNDDEQYIWESNAGGSFTVTL
DEVNERIGRGTILRLFLKDDQLEYLEEKRIKEVIKRHSEFVAYPIQLVVTKEVEKEVPIP
;
_entity_poly.pdbx_strand_id   A
#
loop_
_chem_comp.id
_chem_comp.type
_chem_comp.name
_chem_comp.formula
8TO non-polymer '(4E,6E,8S,9R,10E,12R,13R,14S,16R)-19-{[2-(dimethylamino)ethyl]amino}-13-hydroxy-8,14-dimethoxy-4,10,12,16,21-pentamethyl-3,20,22-trioxo-2-azabicyclo[16.3.1]docosa-1(21),4,6,10,18-pentaen-9-yl carbamate' 'C33 H50 N4 O8'
#
# COMPACT_ATOMS: atom_id res chain seq x y z
N ALA A 2 14.56 19.13 2.74
CA ALA A 2 13.30 18.48 2.29
C ALA A 2 13.47 16.93 2.20
N SER A 3 13.99 16.46 1.07
CA SER A 3 14.00 15.04 0.68
C SER A 3 15.11 14.29 1.44
N GLU A 4 15.17 12.96 1.33
CA GLU A 4 16.18 12.15 2.05
C GLU A 4 16.25 10.71 1.54
N THR A 5 17.43 10.30 1.05
CA THR A 5 17.55 9.00 0.38
C THR A 5 18.07 7.91 1.28
N PHE A 6 17.37 6.77 1.26
CA PHE A 6 17.85 5.53 1.88
C PHE A 6 17.91 4.40 0.85
N GLU A 7 18.83 3.48 1.07
CA GLU A 7 19.08 2.38 0.14
C GLU A 7 18.24 1.14 0.61
N PHE A 8 17.60 0.44 -0.33
CA PHE A 8 16.84 -0.81 -0.03
C PHE A 8 17.76 -1.96 0.35
N GLN A 9 17.43 -2.76 1.36
CA GLN A 9 18.27 -3.92 1.61
C GLN A 9 18.28 -4.82 0.36
N ALA A 10 19.50 -5.21 -0.02
CA ALA A 10 19.82 -6.08 -1.17
C ALA A 10 18.70 -7.00 -1.71
N GLU A 11 18.21 -7.93 -0.88
CA GLU A 11 17.21 -8.93 -1.27
C GLU A 11 15.89 -8.31 -1.61
N ILE A 12 15.53 -7.21 -0.94
CA ILE A 12 14.28 -6.48 -1.23
C ILE A 12 14.31 -5.90 -2.67
N THR A 13 15.49 -5.49 -3.12
CA THR A 13 15.65 -5.00 -4.49
C THR A 13 15.46 -6.16 -5.48
N GLN A 14 16.16 -7.29 -5.25
CA GLN A 14 16.00 -8.51 -6.06
CA GLN A 14 16.00 -8.50 -6.09
C GLN A 14 14.52 -8.80 -6.22
N LEU A 15 13.80 -8.83 -5.09
CA LEU A 15 12.35 -9.03 -5.05
C LEU A 15 11.60 -8.05 -5.90
N MET A 16 11.79 -6.75 -5.72
CA MET A 16 11.04 -5.78 -6.53
C MET A 16 11.31 -5.99 -8.02
N SER A 17 12.59 -6.09 -8.35
CA SER A 17 13.01 -6.39 -9.70
C SER A 17 12.29 -7.65 -10.19
N LEU A 18 12.28 -8.69 -9.35
CA LEU A 18 11.68 -9.95 -9.72
C LEU A 18 10.23 -9.77 -10.14
N ILE A 19 9.47 -9.12 -9.27
CA ILE A 19 8.07 -8.82 -9.48
C ILE A 19 7.83 -7.94 -10.70
N ILE A 20 8.46 -6.77 -10.76
CA ILE A 20 8.19 -5.80 -11.84
C ILE A 20 8.42 -6.38 -13.25
N ASN A 21 9.43 -7.23 -13.41
CA ASN A 21 9.67 -7.94 -14.67
C ASN A 21 9.01 -9.29 -14.56
N THR A 22 7.68 -9.24 -14.49
CA THR A 22 6.83 -10.46 -14.47
C THR A 22 5.52 -10.42 -15.28
N VAL A 23 5.26 -11.56 -15.90
CA VAL A 23 4.03 -11.92 -16.56
C VAL A 23 3.23 -12.67 -15.49
N TYR A 24 1.96 -12.96 -15.72
CA TYR A 24 1.13 -13.55 -14.67
C TYR A 24 -0.22 -12.95 -14.88
N SER A 25 -1.28 -13.74 -15.05
CA SER A 25 -2.61 -13.08 -15.24
C SER A 25 -3.20 -12.55 -13.90
N ASN A 26 -2.80 -13.21 -12.80
CA ASN A 26 -3.27 -12.89 -11.45
C ASN A 26 -2.64 -11.60 -10.83
N LYS A 27 -2.46 -10.56 -11.65
CA LYS A 27 -1.89 -9.28 -11.20
C LYS A 27 -2.82 -8.53 -10.22
N GLU A 28 -4.11 -8.84 -10.30
CA GLU A 28 -5.16 -8.14 -9.56
C GLU A 28 -4.96 -8.28 -8.07
N ILE A 29 -4.29 -9.34 -7.68
CA ILE A 29 -4.10 -9.61 -6.26
C ILE A 29 -3.39 -8.51 -5.50
N PHE A 30 -2.76 -7.56 -6.21
CA PHE A 30 -2.16 -6.45 -5.47
C PHE A 30 -3.23 -5.74 -4.61
N LEU A 31 -4.38 -5.46 -5.22
CA LEU A 31 -5.50 -4.88 -4.50
C LEU A 31 -5.91 -5.67 -3.28
N ARG A 32 -6.06 -7.00 -3.40
CA ARG A 32 -6.27 -7.83 -2.20
C ARG A 32 -5.29 -7.44 -1.11
N GLU A 33 -4.01 -7.42 -1.47
CA GLU A 33 -2.94 -7.21 -0.50
C GLU A 33 -2.99 -5.80 0.12
N LEU A 34 -3.31 -4.79 -0.70
CA LEU A 34 -3.30 -3.40 -0.23
C LEU A 34 -4.49 -3.14 0.66
N ILE A 35 -5.52 -3.92 0.44
CA ILE A 35 -6.65 -3.92 1.30
C ILE A 35 -6.43 -4.68 2.60
N SER A 36 -5.72 -5.82 2.58
CA SER A 36 -5.33 -6.46 3.86
C SER A 36 -4.58 -5.42 4.68
N ASN A 37 -3.52 -4.84 4.10
CA ASN A 37 -2.70 -3.98 4.93
C ASN A 37 -3.62 -2.93 5.56
N ALA A 38 -4.48 -2.31 4.75
CA ALA A 38 -5.44 -1.35 5.27
C ALA A 38 -6.18 -1.93 6.48
N SER A 39 -6.81 -3.09 6.29
CA SER A 39 -7.50 -3.71 7.40
C SER A 39 -6.56 -3.96 8.59
N ASP A 40 -5.38 -4.54 8.37
CA ASP A 40 -4.48 -4.76 9.48
CA ASP A 40 -4.42 -4.75 9.44
C ASP A 40 -4.18 -3.44 10.19
N ALA A 41 -4.01 -2.35 9.45
CA ALA A 41 -3.65 -1.05 10.09
C ALA A 41 -4.83 -0.41 10.83
N LEU A 42 -6.02 -0.70 10.33
CA LEU A 42 -7.20 -0.31 11.01
C LEU A 42 -7.35 -1.15 12.31
N ASP A 43 -7.21 -2.48 12.21
CA ASP A 43 -7.22 -3.35 13.41
C ASP A 43 -6.35 -2.82 14.55
N LYS A 44 -5.18 -2.30 14.16
CA LYS A 44 -4.15 -1.94 15.11
C LYS A 44 -4.61 -0.69 15.85
N ILE A 45 -5.01 0.34 15.13
CA ILE A 45 -5.53 1.54 15.80
C ILE A 45 -6.84 1.28 16.57
N ARG A 46 -7.69 0.39 16.08
CA ARG A 46 -8.91 0.06 16.82
C ARG A 46 -8.54 -0.52 18.21
N TYR A 47 -7.88 -1.69 18.21
CA TYR A 47 -7.23 -2.30 19.39
C TYR A 47 -6.47 -1.33 20.27
N LYS A 48 -5.60 -0.54 19.65
CA LYS A 48 -4.76 0.41 20.37
C LYS A 48 -5.59 1.34 21.24
N SER A 49 -6.77 1.70 20.76
CA SER A 49 -7.57 2.68 21.44
C SER A 49 -8.56 2.09 22.43
N LEU A 50 -8.63 0.76 22.52
CA LEU A 50 -9.33 0.08 23.65
C LEU A 50 -8.78 0.53 25.01
N SER A 51 -7.46 0.61 25.10
CA SER A 51 -6.70 1.06 26.26
CA SER A 51 -6.86 1.11 26.34
C SER A 51 -6.42 2.59 26.24
N ASP A 52 -6.85 3.26 25.17
CA ASP A 52 -6.53 4.67 24.95
C ASP A 52 -7.51 5.25 23.95
N PRO A 53 -8.72 5.62 24.41
CA PRO A 53 -9.74 6.23 23.57
C PRO A 53 -9.29 7.51 22.87
N LYS A 54 -8.41 8.28 23.52
CA LYS A 54 -7.98 9.58 22.97
C LYS A 54 -7.31 9.39 21.58
N GLN A 55 -6.99 8.14 21.27
CA GLN A 55 -6.21 7.81 20.10
C GLN A 55 -6.98 7.89 18.78
N LEU A 56 -8.29 7.57 18.81
CA LEU A 56 -9.15 7.64 17.63
C LEU A 56 -9.50 9.05 17.24
N GLU A 57 -9.24 10.00 18.14
CA GLU A 57 -9.74 11.38 18.07
C GLU A 57 -9.31 12.13 16.79
N THR A 58 -8.07 11.85 16.31
CA THR A 58 -7.48 12.50 15.11
C THR A 58 -8.16 12.18 13.77
N GLU A 59 -8.93 11.11 13.77
CA GLU A 59 -9.71 10.68 12.63
C GLU A 59 -10.70 9.62 13.16
N PRO A 60 -11.84 10.08 13.73
CA PRO A 60 -12.93 9.26 14.22
C PRO A 60 -13.27 8.01 13.39
N ASP A 61 -13.65 8.14 12.11
CA ASP A 61 -14.21 6.99 11.38
C ASP A 61 -13.14 6.08 10.88
N LEU A 62 -13.46 4.79 10.88
CA LEU A 62 -12.59 3.76 10.35
C LEU A 62 -13.11 3.34 8.99
N PHE A 63 -12.34 3.62 7.96
CA PHE A 63 -12.70 3.23 6.58
C PHE A 63 -11.43 2.86 5.74
N ILE A 64 -11.69 2.23 4.59
CA ILE A 64 -10.74 2.12 3.47
C ILE A 64 -11.43 2.82 2.30
N ARG A 65 -10.69 3.63 1.54
CA ARG A 65 -11.26 4.38 0.41
C ARG A 65 -10.35 4.46 -0.82
N ILE A 66 -10.85 3.84 -1.89
CA ILE A 66 -10.12 3.78 -3.15
C ILE A 66 -10.51 4.90 -4.08
N THR A 67 -9.52 5.65 -4.52
CA THR A 67 -9.76 6.72 -5.49
C THR A 67 -8.94 6.53 -6.80
N PRO A 68 -9.66 6.24 -7.90
CA PRO A 68 -9.03 6.28 -9.21
C PRO A 68 -8.92 7.73 -9.65
N LYS A 69 -7.78 8.07 -10.28
CA LYS A 69 -7.48 9.38 -10.81
C LYS A 69 -6.98 9.20 -12.22
N PRO A 70 -7.91 8.85 -13.13
CA PRO A 70 -7.60 8.45 -14.54
C PRO A 70 -6.78 9.54 -15.23
N GLU A 71 -7.23 10.78 -15.04
CA GLU A 71 -6.59 12.02 -15.51
C GLU A 71 -5.09 11.91 -15.38
N GLN A 72 -4.58 11.29 -14.31
CA GLN A 72 -3.13 11.14 -14.16
C GLN A 72 -2.61 9.71 -13.96
N LYS A 73 -3.32 8.72 -14.50
CA LYS A 73 -2.96 7.29 -14.39
C LYS A 73 -2.45 6.94 -12.98
N VAL A 74 -3.25 7.30 -11.98
CA VAL A 74 -2.93 7.06 -10.56
C VAL A 74 -4.14 6.46 -9.86
N LEU A 75 -3.87 5.41 -9.07
CA LEU A 75 -4.86 4.81 -8.20
C LEU A 75 -4.39 4.90 -6.73
N GLU A 76 -5.28 5.42 -5.86
CA GLU A 76 -4.94 5.65 -4.47
C GLU A 76 -5.79 4.80 -3.58
N ILE A 77 -5.14 4.10 -2.64
CA ILE A 77 -5.89 3.36 -1.64
C ILE A 77 -5.67 4.03 -0.29
N ARG A 78 -6.71 4.69 0.21
CA ARG A 78 -6.64 5.23 1.54
C ARG A 78 -7.25 4.43 2.70
N ASP A 79 -6.59 4.49 3.84
CA ASP A 79 -7.13 3.98 5.12
C ASP A 79 -7.03 5.04 6.23
N SER A 80 -7.84 4.84 7.26
CA SER A 80 -7.73 5.63 8.47
C SER A 80 -7.16 4.72 9.56
N GLY A 81 -6.17 3.91 9.17
CA GLY A 81 -5.51 2.99 10.06
C GLY A 81 -4.55 3.69 11.01
N ILE A 82 -3.57 2.94 11.50
CA ILE A 82 -2.72 3.46 12.54
C ILE A 82 -1.77 4.53 11.96
N GLY A 83 -1.28 4.28 10.75
CA GLY A 83 -0.26 5.14 10.18
C GLY A 83 1.12 4.74 10.64
N MET A 84 2.12 5.41 10.08
CA MET A 84 3.51 5.04 10.24
C MET A 84 4.36 6.30 10.39
N THR A 85 5.21 6.34 11.41
CA THR A 85 6.09 7.50 11.65
C THR A 85 7.23 7.61 10.61
N LYS A 86 8.11 8.61 10.75
CA LYS A 86 9.22 8.73 9.82
C LYS A 86 10.12 7.49 9.99
N ALA A 87 10.47 7.21 11.26
CA ALA A 87 11.31 6.02 11.63
C ALA A 87 10.74 4.69 11.12
N GLU A 88 9.43 4.48 11.33
CA GLU A 88 8.68 3.32 10.84
C GLU A 88 8.73 3.20 9.31
N LEU A 89 8.53 4.31 8.60
CA LEU A 89 8.63 4.24 7.16
C LEU A 89 9.98 3.69 6.75
N ILE A 90 11.04 4.22 7.37
CA ILE A 90 12.42 3.89 6.96
C ILE A 90 12.87 2.47 7.29
N ASN A 91 12.67 2.02 8.53
CA ASN A 91 13.02 0.66 8.97
C ASN A 91 12.17 -0.39 8.26
N ASN A 92 10.87 -0.11 8.15
CA ASN A 92 9.93 -1.16 7.74
C ASN A 92 9.69 -1.27 6.25
N LEU A 93 9.77 -0.13 5.56
CA LEU A 93 9.81 -0.21 4.11
C LEU A 93 11.28 -0.30 3.69
N GLY A 94 11.94 -1.29 4.33
CA GLY A 94 13.42 -1.37 4.60
C GLY A 94 14.33 -1.17 3.41
N THR A 95 15.54 -0.59 3.55
CA THR A 95 16.50 -0.62 4.71
C THR A 95 16.69 -1.95 5.48
N ILE A 96 15.72 -2.34 6.29
CA ILE A 96 15.93 -3.54 7.08
C ILE A 96 15.39 -4.82 6.36
N ALA A 97 16.27 -5.83 6.35
CA ALA A 97 16.05 -7.21 5.89
C ALA A 97 14.73 -7.84 6.41
N LYS A 98 13.90 -8.33 5.48
CA LYS A 98 12.56 -8.80 5.80
C LYS A 98 12.53 -10.34 5.64
N SER A 99 12.01 -11.05 6.64
CA SER A 99 12.21 -12.49 6.75
C SER A 99 11.74 -13.29 5.53
N GLY A 100 10.48 -13.10 5.15
CA GLY A 100 9.93 -13.87 4.02
C GLY A 100 10.60 -13.65 2.68
N THR A 101 11.41 -12.59 2.54
CA THR A 101 11.88 -12.16 1.24
C THR A 101 12.69 -13.19 0.48
N LYS A 102 13.80 -13.65 1.05
CA LYS A 102 14.60 -14.72 0.40
C LYS A 102 13.73 -15.97 0.24
N ALA A 103 12.98 -16.29 1.30
CA ALA A 103 12.13 -17.48 1.34
C ALA A 103 11.10 -17.55 0.22
N PHE A 104 10.68 -16.37 -0.25
CA PHE A 104 9.56 -16.27 -1.19
C PHE A 104 10.05 -16.37 -2.62
N MET A 105 11.14 -15.67 -2.92
CA MET A 105 11.72 -15.71 -4.25
C MET A 105 12.08 -17.15 -4.57
N GLU A 106 12.69 -17.85 -3.59
CA GLU A 106 13.04 -19.25 -3.79
C GLU A 106 11.76 -20.02 -3.99
N ALA A 107 10.74 -19.73 -3.18
CA ALA A 107 9.39 -20.30 -3.38
C ALA A 107 8.86 -20.08 -4.81
N LEU A 108 9.05 -18.85 -5.32
CA LEU A 108 8.65 -18.43 -6.68
C LEU A 108 9.33 -19.23 -7.75
N SER A 109 10.65 -19.33 -7.69
CA SER A 109 11.40 -20.10 -8.66
C SER A 109 10.95 -21.55 -8.75
N ALA A 110 10.65 -22.15 -7.60
CA ALA A 110 10.14 -23.54 -7.50
C ALA A 110 8.76 -23.84 -8.16
N GLY A 111 7.99 -22.80 -8.48
CA GLY A 111 6.68 -22.96 -9.12
C GLY A 111 5.53 -22.22 -8.46
N ALA A 112 5.82 -21.60 -7.31
CA ALA A 112 4.81 -20.99 -6.44
C ALA A 112 4.02 -19.94 -7.19
N ASP A 113 2.72 -19.87 -6.88
CA ASP A 113 1.83 -18.87 -7.44
C ASP A 113 2.18 -17.53 -6.81
N VAL A 114 1.86 -16.43 -7.47
CA VAL A 114 2.29 -15.15 -6.87
C VAL A 114 1.40 -14.73 -5.69
N SER A 115 0.14 -15.16 -5.68
CA SER A 115 -0.75 -14.72 -4.62
C SER A 115 -0.24 -15.14 -3.23
N MET A 116 0.67 -16.12 -3.22
CA MET A 116 1.35 -16.57 -2.01
C MET A 116 2.05 -15.42 -1.28
N ILE A 117 2.24 -14.29 -2.01
CA ILE A 117 3.14 -13.23 -1.56
C ILE A 117 2.77 -12.77 -0.17
N GLY A 118 1.45 -12.67 0.05
CA GLY A 118 0.82 -12.39 1.33
C GLY A 118 1.19 -13.36 2.43
N GLN A 119 1.21 -14.64 2.11
CA GLN A 119 1.61 -15.61 3.11
C GLN A 119 3.12 -15.59 3.46
N PHE A 120 3.89 -14.79 2.72
CA PHE A 120 5.30 -14.64 3.05
C PHE A 120 5.55 -13.29 3.70
N GLY A 121 4.49 -12.52 3.95
CA GLY A 121 4.66 -11.24 4.63
C GLY A 121 5.44 -10.15 3.90
N VAL A 122 5.44 -10.20 2.58
CA VAL A 122 6.03 -9.18 1.72
C VAL A 122 5.02 -8.66 0.70
N GLY A 123 3.75 -8.83 1.04
CA GLY A 123 2.62 -8.53 0.16
C GLY A 123 2.65 -7.12 -0.40
N PHE A 124 3.19 -6.18 0.39
CA PHE A 124 3.25 -4.77 0.03
C PHE A 124 3.94 -4.58 -1.31
N TYR A 125 4.95 -5.41 -1.60
CA TYR A 125 5.77 -5.23 -2.78
C TYR A 125 5.09 -5.70 -4.06
N SER A 126 4.02 -6.51 -3.89
CA SER A 126 3.06 -6.93 -4.96
C SER A 126 2.45 -5.79 -5.76
N LEU A 127 2.65 -4.56 -5.30
CA LEU A 127 1.98 -3.43 -5.91
C LEU A 127 2.69 -3.11 -7.21
N PHE A 128 3.99 -3.44 -7.24
CA PHE A 128 4.84 -3.30 -8.43
C PHE A 128 4.47 -4.20 -9.61
N LEU A 129 3.49 -5.06 -9.38
CA LEU A 129 2.85 -5.75 -10.44
C LEU A 129 2.10 -4.79 -11.38
N VAL A 130 1.63 -3.66 -10.87
CA VAL A 130 0.75 -2.78 -11.67
C VAL A 130 1.21 -1.32 -11.66
N ALA A 131 2.17 -1.03 -10.79
CA ALA A 131 2.77 0.30 -10.64
C ALA A 131 4.29 0.25 -10.84
N ASP A 132 4.86 1.34 -11.38
CA ASP A 132 6.32 1.55 -11.34
C ASP A 132 6.75 2.78 -10.58
N ARG A 133 5.80 3.54 -10.07
CA ARG A 133 6.10 4.48 -8.99
C ARG A 133 5.08 4.23 -7.89
N VAL A 134 5.50 4.46 -6.65
CA VAL A 134 4.58 4.39 -5.51
C VAL A 134 4.89 5.52 -4.57
N GLN A 135 3.84 6.14 -4.07
CA GLN A 135 3.99 7.00 -2.92
C GLN A 135 3.22 6.39 -1.74
N VAL A 136 3.94 6.11 -0.68
CA VAL A 136 3.27 5.82 0.58
C VAL A 136 3.28 7.12 1.39
N ILE A 137 2.17 7.85 1.38
CA ILE A 137 2.02 9.02 2.23
C ILE A 137 1.37 8.49 3.49
N SER A 138 1.94 8.85 4.64
CA SER A 138 1.34 8.41 5.89
C SER A 138 1.42 9.44 7.01
N LYS A 139 0.44 9.38 7.90
CA LYS A 139 0.33 10.32 8.99
C LYS A 139 -0.04 9.50 10.22
N SER A 140 0.93 9.36 11.11
CA SER A 140 0.75 8.65 12.37
C SER A 140 0.55 9.64 13.53
N ASN A 141 -0.24 9.26 14.53
CA ASN A 141 -0.44 10.14 15.70
C ASN A 141 0.86 10.56 16.37
N ASP A 142 1.88 9.70 16.31
CA ASP A 142 3.14 9.98 16.98
C ASP A 142 4.08 10.96 16.23
N ASP A 143 3.66 11.56 15.11
CA ASP A 143 4.64 12.12 14.16
C ASP A 143 3.99 12.88 13.02
N GLU A 144 4.81 13.53 12.22
CA GLU A 144 4.32 14.33 11.10
C GLU A 144 4.01 13.46 9.88
N GLN A 145 3.29 14.03 8.91
CA GLN A 145 2.93 13.36 7.66
C GLN A 145 4.15 13.30 6.76
N TYR A 146 4.44 12.11 6.22
CA TYR A 146 5.61 11.89 5.35
C TYR A 146 5.28 11.18 4.05
N ILE A 147 6.12 11.43 3.04
CA ILE A 147 5.99 10.74 1.77
C ILE A 147 7.18 9.82 1.64
N TRP A 148 6.91 8.58 1.30
CA TRP A 148 7.94 7.61 1.00
C TRP A 148 7.80 7.32 -0.48
N GLU A 149 8.88 7.47 -1.24
CA GLU A 149 8.77 7.23 -2.67
C GLU A 149 9.74 6.15 -3.22
N SER A 150 9.23 5.33 -4.14
CA SER A 150 10.05 4.35 -4.83
C SER A 150 9.58 4.16 -6.26
N ASN A 151 10.59 3.92 -7.13
CA ASN A 151 10.45 3.67 -8.56
C ASN A 151 10.87 2.22 -8.80
N ALA A 152 11.21 1.54 -7.70
CA ALA A 152 11.60 0.12 -7.62
C ALA A 152 13.07 -0.06 -7.89
N GLY A 153 13.82 1.04 -7.80
CA GLY A 153 15.28 1.06 -7.91
C GLY A 153 16.02 0.35 -6.78
N GLY A 154 17.14 0.92 -6.35
CA GLY A 154 17.89 0.34 -5.24
C GLY A 154 17.75 1.18 -4.01
N SER A 155 17.15 2.37 -4.18
CA SER A 155 16.99 3.30 -3.07
C SER A 155 15.70 4.11 -3.18
N PHE A 156 15.23 4.59 -2.02
CA PHE A 156 13.97 5.33 -1.91
C PHE A 156 14.15 6.62 -1.15
N THR A 157 13.16 7.48 -1.27
CA THR A 157 13.24 8.83 -0.71
C THR A 157 12.14 9.03 0.33
N VAL A 158 12.46 9.81 1.36
CA VAL A 158 11.45 10.13 2.37
C VAL A 158 11.46 11.63 2.61
N THR A 159 10.33 12.25 2.32
CA THR A 159 10.24 13.68 2.47
C THR A 159 9.13 14.02 3.44
N LEU A 160 9.36 15.07 4.24
CA LEU A 160 8.30 15.67 5.02
C LEU A 160 7.26 16.12 3.97
N ASP A 161 5.98 15.90 4.24
CA ASP A 161 4.92 16.13 3.25
C ASP A 161 4.39 17.55 3.36
N GLU A 162 4.91 18.44 2.52
CA GLU A 162 4.39 19.81 2.49
C GLU A 162 3.36 19.99 1.37
N VAL A 163 3.06 18.89 0.70
CA VAL A 163 2.52 18.90 -0.65
C VAL A 163 1.10 18.28 -0.81
N ASN A 164 0.85 17.08 -0.26
CA ASN A 164 -0.54 16.60 -0.32
C ASN A 164 -1.37 16.88 0.91
N GLU A 165 -2.67 16.53 0.85
CA GLU A 165 -3.64 16.96 1.87
C GLU A 165 -3.37 16.33 3.24
N ARG A 166 -4.13 16.69 4.26
CA ARG A 166 -3.86 16.16 5.59
C ARG A 166 -4.76 14.99 5.80
N ILE A 167 -4.14 13.83 5.98
CA ILE A 167 -4.81 12.67 6.54
C ILE A 167 -4.94 13.05 8.02
N GLY A 168 -6.13 12.85 8.61
CA GLY A 168 -6.27 13.04 10.05
C GLY A 168 -5.28 12.07 10.68
N ARG A 169 -5.45 10.80 10.29
CA ARG A 169 -4.55 9.70 10.63
C ARG A 169 -4.70 8.62 9.57
N GLY A 170 -3.62 7.90 9.28
CA GLY A 170 -3.72 6.81 8.32
C GLY A 170 -2.66 6.84 7.24
N THR A 171 -3.03 6.38 6.05
CA THR A 171 -2.05 6.12 5.01
C THR A 171 -2.74 6.05 3.68
N ILE A 172 -2.13 6.72 2.70
CA ILE A 172 -2.57 6.65 1.32
C ILE A 172 -1.45 5.93 0.58
N LEU A 173 -1.83 4.93 -0.22
CA LEU A 173 -0.95 4.33 -1.23
C LEU A 173 -1.29 5.02 -2.53
N ARG A 174 -0.34 5.81 -3.02
CA ARG A 174 -0.44 6.43 -4.35
C ARG A 174 0.31 5.60 -5.40
N LEU A 175 -0.44 4.94 -6.29
CA LEU A 175 0.16 4.07 -7.32
C LEU A 175 0.10 4.74 -8.67
N PHE A 176 1.26 4.85 -9.27
CA PHE A 176 1.44 5.36 -10.63
C PHE A 176 1.47 4.12 -11.50
N LEU A 177 0.36 3.89 -12.18
CA LEU A 177 0.06 2.67 -12.90
C LEU A 177 0.80 2.49 -14.23
N LYS A 178 1.30 1.28 -14.47
CA LYS A 178 1.79 0.85 -15.78
C LYS A 178 0.75 1.04 -16.89
N ASP A 179 1.22 1.38 -18.09
CA ASP A 179 0.29 1.68 -19.20
C ASP A 179 -0.61 0.53 -19.64
N ASP A 180 -0.16 -0.72 -19.44
CA ASP A 180 -1.02 -1.86 -19.72
C ASP A 180 -1.97 -2.20 -18.58
N GLN A 181 -1.82 -1.57 -17.41
CA GLN A 181 -2.64 -1.89 -16.24
C GLN A 181 -3.68 -0.85 -15.84
N LEU A 182 -4.08 0.02 -16.77
CA LEU A 182 -5.07 1.09 -16.47
C LEU A 182 -6.51 0.61 -16.20
N GLU A 183 -6.75 -0.68 -16.33
CA GLU A 183 -8.08 -1.23 -16.08
C GLU A 183 -8.47 -1.00 -14.61
N TYR A 184 -7.43 -0.91 -13.78
CA TYR A 184 -7.62 -0.69 -12.35
C TYR A 184 -8.04 0.75 -11.97
N LEU A 185 -8.33 1.56 -13.00
CA LEU A 185 -8.97 2.88 -12.86
C LEU A 185 -10.48 2.78 -13.03
N GLU A 186 -10.95 1.79 -13.80
CA GLU A 186 -12.38 1.56 -13.99
C GLU A 186 -13.13 1.06 -12.76
N GLU A 187 -14.29 1.63 -12.55
CA GLU A 187 -15.18 1.27 -11.46
C GLU A 187 -15.59 -0.20 -11.48
N LYS A 188 -16.18 -0.61 -12.58
CA LYS A 188 -16.64 -1.98 -12.79
C LYS A 188 -15.54 -2.93 -12.34
N ARG A 189 -14.30 -2.66 -12.78
CA ARG A 189 -13.12 -3.54 -12.59
C ARG A 189 -12.71 -3.65 -11.12
N ILE A 190 -12.54 -2.49 -10.49
CA ILE A 190 -12.24 -2.33 -9.04
C ILE A 190 -13.32 -3.04 -8.18
N LYS A 191 -14.59 -2.86 -8.57
CA LYS A 191 -15.71 -3.55 -7.97
C LYS A 191 -15.59 -5.09 -8.15
N GLU A 192 -15.11 -5.54 -9.30
CA GLU A 192 -14.94 -6.97 -9.52
C GLU A 192 -13.88 -7.60 -8.62
N VAL A 193 -12.76 -6.89 -8.45
CA VAL A 193 -11.60 -7.45 -7.74
C VAL A 193 -11.91 -7.62 -6.27
N ILE A 194 -12.36 -6.51 -5.69
CA ILE A 194 -12.92 -6.47 -4.34
C ILE A 194 -13.93 -7.60 -4.09
N LYS A 195 -14.95 -7.74 -4.94
CA LYS A 195 -15.96 -8.75 -4.65
C LYS A 195 -15.41 -10.19 -4.62
N ARG A 196 -14.46 -10.48 -5.52
CA ARG A 196 -13.78 -11.78 -5.57
C ARG A 196 -12.78 -12.04 -4.44
N HIS A 197 -11.93 -11.07 -4.09
CA HIS A 197 -10.86 -11.31 -3.08
C HIS A 197 -11.14 -10.77 -1.71
N SER A 198 -11.47 -9.49 -1.64
CA SER A 198 -11.78 -8.88 -0.35
C SER A 198 -13.25 -9.07 0.11
N GLU A 199 -13.68 -10.34 0.12
CA GLU A 199 -15.07 -10.69 0.54
C GLU A 199 -15.35 -10.43 2.01
N PHE A 200 -14.44 -10.84 2.90
CA PHE A 200 -14.68 -10.80 4.34
C PHE A 200 -13.84 -9.71 5.00
N VAL A 201 -14.37 -8.49 5.08
CA VAL A 201 -13.59 -7.37 5.63
C VAL A 201 -14.44 -6.55 6.60
N ALA A 202 -13.92 -6.46 7.82
CA ALA A 202 -14.55 -5.74 8.90
C ALA A 202 -14.93 -4.25 8.66
N TYR A 203 -14.22 -3.53 7.78
CA TYR A 203 -14.36 -2.07 7.62
C TYR A 203 -15.03 -1.65 6.33
N PRO A 204 -15.58 -0.43 6.28
CA PRO A 204 -16.28 -0.08 5.04
C PRO A 204 -15.27 0.14 3.90
N ILE A 205 -15.63 -0.28 2.69
CA ILE A 205 -14.75 0.01 1.58
C ILE A 205 -15.43 1.00 0.65
N GLN A 206 -14.98 2.25 0.73
CA GLN A 206 -15.47 3.33 -0.13
C GLN A 206 -14.71 3.40 -1.42
N LEU A 207 -15.47 3.66 -2.49
CA LEU A 207 -14.92 3.91 -3.80
C LEU A 207 -15.35 5.29 -4.28
N VAL A 208 -14.37 6.16 -4.47
CA VAL A 208 -14.68 7.48 -4.96
C VAL A 208 -14.73 7.47 -6.48
N VAL A 209 -15.83 7.98 -6.99
CA VAL A 209 -16.09 8.00 -8.42
C VAL A 209 -16.50 9.41 -8.81
N THR A 210 -15.93 9.88 -9.93
CA THR A 210 -16.23 11.21 -10.47
C THR A 210 -17.20 11.11 -11.66
N LYS A 211 -18.43 11.60 -11.50
CA LYS A 211 -19.44 11.64 -12.57
C LYS A 211 -19.49 13.06 -13.18
N GLU A 212 -19.42 13.22 -14.50
CA GLU A 212 -19.74 14.52 -15.11
C GLU A 212 -21.26 14.69 -15.07
N VAL A 213 -21.78 15.92 -14.89
CA VAL A 213 -23.21 16.11 -14.56
C VAL A 213 -24.20 15.86 -15.71
N GLU A 214 -25.01 14.81 -15.50
CA GLU A 214 -25.96 14.18 -16.47
C GLU A 214 -26.85 15.17 -17.27
CAA 8TO B . 1.46 -0.13 3.03
CAB 8TO B . 5.08 -1.79 12.27
CAC 8TO B . 6.59 -4.41 4.21
CAD 8TO B . 0.53 -3.38 7.40
CAE 8TO B . 1.58 -7.00 5.42
CAF 8TO B . 5.72 -3.55 8.50
CAG 8TO B . -0.07 -1.73 10.26
CAH 8TO B . 3.85 -7.67 13.56
CAI 8TO B . 5.34 -8.79 11.87
NAJ 8TO B . -1.58 1.50 6.52
OAK 8TO B . -1.38 -0.02 4.90
OAL 8TO B . 4.80 -6.21 2.94
OAM 8TO B . 0.71 -6.74 7.98
OAN 8TO B . 5.87 -6.11 7.09
OAO 8TO B . 1.92 -2.33 11.93
CAP 8TO B . 3.94 -2.49 4.69
CAQ 8TO B . 4.59 -3.60 5.20
CAR 8TO B . 3.05 -1.84 5.53
CAS 8TO B . 1.59 -1.45 8.45
CAT 8TO B . 2.74 -6.69 11.32
CAU 8TO B . 3.05 -8.19 11.25
CAV 8TO B . 5.08 -5.79 9.67
CAW 8TO B . 3.83 -3.56 10.14
NAX 8TO B . 2.19 -6.20 10.04
NAY 8TO B . 4.38 -6.68 5.00
OAZ 8TO B . 1.98 -0.12 4.38
OBA 8TO B . 4.92 -1.43 10.85
OBB 8TO B . 0.23 0.02 6.53
CBC 8TO B . -0.93 0.48 5.96
CBD 8TO B . 5.22 -4.52 4.39
CBE 8TO B . 0.85 -2.03 7.40
CBF 8TO B . 4.61 -5.73 4.04
CBG 8TO B . 2.44 -6.71 6.48
CBH 8TO B . 4.18 -6.12 8.64
CBI 8TO B . 2.78 -6.32 8.83
CBJ 8TO B . 3.81 -6.53 6.27
CBK 8TO B . 1.92 -6.59 7.77
CBL 8TO B . 4.68 -6.25 7.33
CBM 8TO B . 5.18 -4.20 9.77
CBN 8TO B . 1.26 -1.12 9.78
CBO 8TO B . 1.79 -1.40 5.09
CBP 8TO B . 3.76 -2.00 10.19
CBQ 8TO B . 2.40 -1.45 10.85
CBR 8TO B . 0.63 -1.32 6.19
NBS 8TO B . 3.95 -8.57 12.37
#